data_4ZQO
#
_entry.id   4ZQO
#
_cell.length_a   88.252
_cell.length_b   88.252
_cell.length_c   84.268
_cell.angle_alpha   90.00
_cell.angle_beta   90.00
_cell.angle_gamma   90.00
#
_symmetry.space_group_name_H-M   'I 4'
#
loop_
_entity.id
_entity.type
_entity.pdbx_description
1 polymer "Inosine-5'-monophosphate dehydrogenase,Inosine-5'-monophosphate dehydrogenase"
2 non-polymer 'INOSINIC ACID'
3 non-polymer N~2~-(2,3-dichlorophenyl)-N-[2-(pyridin-4-yl)-1,3-benzoxazol-5-yl]-L-alaninamide
4 non-polymer 'POTASSIUM ION'
5 non-polymer GLYCEROL
6 non-polymer S-1,2-PROPANEDIOL
7 water water
#
_entity_poly.entity_id   1
_entity_poly.type   'polypeptide(L)'
_entity_poly.pdbx_seq_one_letter_code
;SNAMSRGMSGLEDSSDLVVSPYVRMGGLTTDPVPTGGDDPHKVAMLGLTFDDVLLLPAASDVVPATADTSSQLTKKIRLK
VPLVSSAMDTVTESRMAIAMARAGGMGVLHRNLPVAEQAGQVEMVKRSGGLLVGAAVGVGGDAWVRAMMLVDAGVDVLVV
DTAHAHNRLVLDMVGKLKSEVGDRVEVVGGNVATRSAAAALVDAGADAVKVGVGPGSICTTRVVAGVGAPQITAILEAVA
ACRPAGVPVIADGGLQYSGDIAKALAAGASTAMLGSLLAGTAEAPGELIFVNGKQYKSYRGMGSLGAMRGRGGATSYSKD
RYFADDALSEDKLVPEGIEGRVPFRGPLSSVIHQLTGGLRAAMGYTGSPTIEVLQQAQFVRITPAGLKESHPHDVAMTVE
APNYYAR
;
_entity_poly.pdbx_strand_id   A
#
loop_
_chem_comp.id
_chem_comp.type
_chem_comp.name
_chem_comp.formula
GOL non-polymer GLYCEROL 'C3 H8 O3'
IMP non-polymer 'INOSINIC ACID' 'C10 H13 N4 O8 P'
K non-polymer 'POTASSIUM ION' 'K 1'
PGO non-polymer S-1,2-PROPANEDIOL 'C3 H8 O2'
Q67 non-polymer N~2~-(2,3-dichlorophenyl)-N-[2-(pyridin-4-yl)-1,3-benzoxazol-5-yl]-L-alaninamide 'C21 H16 Cl2 N4 O2'
#
# COMPACT_ATOMS: atom_id res chain seq x y z
N ASP A 31 23.59 21.39 -27.98
N ASP A 31 17.61 12.46 -16.95
CA ASP A 31 22.28 20.92 -28.40
CA ASP A 31 17.18 11.96 -18.26
C ASP A 31 21.20 21.29 -27.41
C ASP A 31 17.99 12.63 -19.38
N PRO A 32 19.95 21.43 -27.90
N PRO A 32 18.87 11.85 -20.02
CA PRO A 32 18.83 21.45 -26.96
CA PRO A 32 19.85 12.36 -20.99
C PRO A 32 18.72 20.08 -26.33
C PRO A 32 19.25 12.79 -22.33
N VAL A 33 18.05 20.01 -25.19
N VAL A 33 18.31 12.01 -22.85
CA VAL A 33 17.69 18.74 -24.60
CA VAL A 33 17.80 12.23 -24.20
C VAL A 33 16.89 17.94 -25.63
C VAL A 33 17.10 13.57 -24.35
N PRO A 34 17.20 16.65 -25.78
N PRO A 34 17.30 14.23 -25.50
CA PRO A 34 16.56 15.78 -26.78
CA PRO A 34 16.68 15.53 -25.78
C PRO A 34 15.03 15.73 -26.68
C PRO A 34 15.19 15.39 -26.04
N THR A 35 14.46 16.11 -25.55
N THR A 35 14.40 16.11 -25.25
CA THR A 35 13.00 16.08 -25.40
CA THR A 35 12.94 16.08 -25.38
C THR A 35 12.39 17.48 -25.39
C THR A 35 12.37 17.49 -25.39
N GLY A 36 13.24 18.49 -25.52
CA GLY A 36 12.76 19.85 -25.71
C GLY A 36 13.21 20.83 -24.65
N GLY A 37 13.42 22.08 -25.08
CA GLY A 37 13.92 23.12 -24.21
C GLY A 37 15.42 23.01 -23.97
N ASP A 38 15.94 23.84 -23.07
CA ASP A 38 17.38 23.87 -22.79
C ASP A 38 17.73 23.43 -21.38
N ASP A 39 16.73 23.01 -20.62
CA ASP A 39 16.95 22.61 -19.24
C ASP A 39 16.95 21.09 -19.11
N PRO A 40 18.13 20.51 -18.82
CA PRO A 40 18.35 19.07 -18.70
C PRO A 40 17.54 18.45 -17.56
N HIS A 41 17.16 19.27 -16.59
CA HIS A 41 16.48 18.77 -15.40
C HIS A 41 14.98 18.96 -15.44
N LYS A 42 14.46 19.50 -16.54
CA LYS A 42 13.03 19.73 -16.65
C LYS A 42 12.27 18.41 -16.61
N VAL A 43 12.74 17.44 -17.38
CA VAL A 43 12.25 16.07 -17.32
C VAL A 43 13.34 15.33 -16.57
N ALA A 44 13.09 15.09 -15.29
CA ALA A 44 14.14 14.76 -14.32
C ALA A 44 14.55 13.29 -14.28
N MET A 45 13.65 12.41 -14.66
CA MET A 45 13.99 10.99 -14.71
C MET A 45 12.95 10.17 -15.47
N LEU A 46 13.21 8.88 -15.64
CA LEU A 46 12.26 7.99 -16.31
C LEU A 46 11.63 7.11 -15.24
N GLY A 47 10.31 7.21 -15.10
CA GLY A 47 9.61 6.49 -14.04
C GLY A 47 9.13 5.12 -14.48
N LEU A 48 9.44 4.11 -13.67
CA LEU A 48 9.03 2.74 -13.96
C LEU A 48 7.95 2.31 -12.99
N THR A 49 7.08 1.42 -13.42
CA THR A 49 6.19 0.79 -12.45
C THR A 49 6.26 -0.74 -12.58
N PHE A 50 5.34 -1.45 -11.91
CA PHE A 50 5.47 -2.89 -11.76
C PHE A 50 5.61 -3.61 -13.09
N ASP A 51 4.75 -3.27 -14.05
CA ASP A 51 4.78 -3.94 -15.35
C ASP A 51 6.02 -3.64 -16.21
N ASP A 52 6.86 -2.72 -15.75
CA ASP A 52 8.11 -2.39 -16.45
C ASP A 52 9.30 -3.26 -16.08
N VAL A 53 9.17 -4.07 -15.02
CA VAL A 53 10.32 -4.79 -14.51
C VAL A 53 9.98 -6.22 -14.12
N LEU A 54 11.00 -7.06 -14.14
CA LEU A 54 10.93 -8.42 -13.60
C LEU A 54 12.11 -8.64 -12.69
N LEU A 55 11.91 -9.47 -11.67
CA LEU A 55 13.02 -9.90 -10.82
C LEU A 55 13.87 -10.96 -11.51
N LEU A 56 15.18 -10.82 -11.45
CA LEU A 56 16.08 -11.82 -12.01
C LEU A 56 16.23 -12.98 -11.03
N PRO A 57 16.11 -14.21 -11.54
CA PRO A 57 16.42 -15.38 -10.70
C PRO A 57 17.88 -15.30 -10.31
N ALA A 58 18.21 -15.91 -9.19
CA ALA A 58 19.58 -15.90 -8.70
C ALA A 58 19.87 -17.23 -8.05
N ALA A 59 21.13 -17.44 -7.70
CA ALA A 59 21.53 -18.64 -6.97
C ALA A 59 20.74 -18.72 -5.67
N SER A 60 20.24 -19.91 -5.36
CA SER A 60 19.30 -20.03 -4.25
C SER A 60 19.49 -21.31 -3.45
N ASP A 61 19.44 -21.16 -2.14
CA ASP A 61 19.33 -22.31 -1.24
C ASP A 61 18.05 -22.18 -0.42
N VAL A 62 17.07 -21.49 -1.00
CA VAL A 62 15.81 -21.22 -0.34
C VAL A 62 14.69 -21.85 -1.14
N VAL A 63 14.01 -22.83 -0.56
CA VAL A 63 12.84 -23.34 -1.26
C VAL A 63 11.68 -22.52 -0.72
N PRO A 64 10.63 -22.34 -1.54
CA PRO A 64 9.52 -21.48 -1.14
C PRO A 64 8.99 -21.76 0.27
N ALA A 65 8.94 -23.03 0.65
CA ALA A 65 8.45 -23.44 1.97
C ALA A 65 9.28 -22.87 3.12
N THR A 66 10.57 -22.65 2.90
CA THR A 66 11.46 -22.24 3.98
C THR A 66 11.68 -20.73 4.06
N ALA A 67 11.14 -19.99 3.10
CA ALA A 67 11.27 -18.55 3.09
C ALA A 67 10.60 -17.96 4.33
N ASP A 68 11.19 -16.89 4.87
CA ASP A 68 10.64 -16.18 6.02
C ASP A 68 10.04 -14.88 5.49
N THR A 69 8.72 -14.77 5.51
CA THR A 69 8.04 -13.62 4.90
C THR A 69 7.85 -12.43 5.87
N SER A 70 8.39 -12.55 7.08
CA SER A 70 8.21 -11.49 8.08
C SER A 70 8.92 -10.20 7.67
N SER A 71 8.39 -9.05 8.08
CA SER A 71 8.99 -7.79 7.69
C SER A 71 8.48 -6.67 8.60
N GLN A 72 9.27 -5.61 8.69
CA GLN A 72 8.92 -4.46 9.51
C GLN A 72 7.80 -3.66 8.88
N LEU A 73 6.71 -3.48 9.61
CA LEU A 73 5.69 -2.51 9.22
C LEU A 73 6.18 -1.11 9.59
N THR A 74 6.69 -0.99 10.81
CA THR A 74 7.24 0.26 11.31
C THR A 74 8.53 -0.09 12.04
N LYS A 75 9.17 0.90 12.63
CA LYS A 75 10.45 0.69 13.28
C LYS A 75 10.33 -0.36 14.37
N LYS A 76 9.21 -0.35 15.10
CA LYS A 76 9.05 -1.23 16.25
C LYS A 76 8.16 -2.45 16.01
N ILE A 77 7.40 -2.46 14.92
CA ILE A 77 6.42 -3.52 14.68
C ILE A 77 6.77 -4.40 13.49
N ARG A 78 6.96 -5.70 13.72
CA ARG A 78 7.23 -6.64 12.64
C ARG A 78 6.02 -7.53 12.39
N LEU A 79 5.63 -7.68 11.12
CA LEU A 79 4.50 -8.53 10.75
C LEU A 79 4.97 -9.88 10.25
N LYS A 80 4.16 -10.91 10.43
CA LYS A 80 4.48 -12.23 9.88
C LYS A 80 4.34 -12.29 8.37
N VAL A 81 3.39 -11.52 7.85
CA VAL A 81 3.12 -11.41 6.42
C VAL A 81 3.12 -9.92 6.07
N PRO A 82 3.90 -9.51 5.05
CA PRO A 82 4.19 -8.08 4.85
C PRO A 82 3.10 -7.34 4.09
N LEU A 83 1.87 -7.46 4.56
CA LEU A 83 0.72 -6.96 3.83
C LEU A 83 -0.22 -6.23 4.76
N VAL A 84 -0.74 -5.11 4.28
N VAL A 84 -0.70 -5.08 4.34
CA VAL A 84 -1.63 -4.24 5.02
CA VAL A 84 -1.69 -4.35 5.12
C VAL A 84 -2.85 -3.97 4.16
C VAL A 84 -2.83 -3.89 4.21
N SER A 85 -4.03 -3.82 4.77
CA SER A 85 -5.21 -3.42 4.01
C SER A 85 -5.42 -1.90 4.04
N SER A 86 -5.86 -1.35 2.91
CA SER A 86 -6.02 0.08 2.72
C SER A 86 -7.05 0.69 3.66
N ALA A 87 -6.80 1.93 4.07
CA ALA A 87 -7.71 2.64 4.95
C ALA A 87 -8.84 3.26 4.14
N MET A 88 -9.73 2.39 3.64
CA MET A 88 -10.80 2.83 2.76
C MET A 88 -12.12 2.27 3.26
N ASP A 89 -13.20 3.00 3.02
CA ASP A 89 -14.50 2.61 3.52
C ASP A 89 -15.11 1.41 2.79
N THR A 90 -14.50 1.01 1.69
CA THR A 90 -14.86 -0.22 1.03
C THR A 90 -13.83 -1.34 1.21
N VAL A 91 -12.84 -1.13 2.07
CA VAL A 91 -11.85 -2.17 2.32
C VAL A 91 -11.69 -2.59 3.78
N THR A 92 -11.45 -1.62 4.66
CA THR A 92 -11.12 -1.98 6.02
C THR A 92 -11.99 -1.40 7.12
N GLU A 93 -12.77 -2.28 7.73
CA GLU A 93 -13.46 -2.05 9.00
C GLU A 93 -13.07 -3.20 9.92
N SER A 94 -13.75 -3.38 11.04
CA SER A 94 -13.20 -4.30 12.02
C SER A 94 -13.04 -5.72 11.50
N ARG A 95 -13.97 -6.20 10.70
CA ARG A 95 -13.88 -7.57 10.23
C ARG A 95 -12.63 -7.81 9.40
N MET A 96 -12.33 -6.86 8.52
CA MET A 96 -11.12 -6.94 7.72
C MET A 96 -9.88 -6.83 8.59
N ALA A 97 -9.92 -5.91 9.55
CA ALA A 97 -8.77 -5.70 10.42
C ALA A 97 -8.47 -6.98 11.21
N ILE A 98 -9.53 -7.61 11.72
CA ILE A 98 -9.39 -8.86 12.46
C ILE A 98 -8.80 -9.95 11.56
N ALA A 99 -9.33 -10.04 10.35
CA ALA A 99 -8.93 -11.11 9.45
C ALA A 99 -7.47 -10.94 9.02
N MET A 100 -7.09 -9.71 8.71
CA MET A 100 -5.72 -9.42 8.27
C MET A 100 -4.72 -9.73 9.39
N ALA A 101 -5.05 -9.34 10.61
CA ALA A 101 -4.18 -9.59 11.75
C ALA A 101 -4.00 -11.09 11.98
N ARG A 102 -5.10 -11.82 11.91
CA ARG A 102 -5.06 -13.27 12.07
C ARG A 102 -4.26 -13.96 10.96
N ALA A 103 -4.26 -13.36 9.78
CA ALA A 103 -3.49 -13.90 8.64
C ALA A 103 -2.02 -13.48 8.71
N GLY A 104 -1.68 -12.65 9.70
CA GLY A 104 -0.31 -12.25 9.92
C GLY A 104 0.06 -10.87 9.39
N GLY A 105 -0.91 -10.17 8.83
CA GLY A 105 -0.71 -8.80 8.36
C GLY A 105 -1.38 -7.83 9.32
N MET A 106 -1.93 -6.75 8.79
CA MET A 106 -2.63 -5.79 9.63
C MET A 106 -3.64 -5.02 8.78
N GLY A 107 -4.68 -4.50 9.42
CA GLY A 107 -5.59 -3.61 8.73
C GLY A 107 -5.41 -2.18 9.25
N VAL A 108 -5.65 -1.21 8.38
CA VAL A 108 -5.73 0.17 8.80
C VAL A 108 -7.17 0.64 8.65
N LEU A 109 -7.82 0.86 9.79
CA LEU A 109 -9.21 1.31 9.81
C LEU A 109 -9.37 2.67 9.18
N HIS A 110 -10.35 2.80 8.29
CA HIS A 110 -10.57 4.06 7.58
C HIS A 110 -11.15 5.13 8.49
N ARG A 111 -11.05 6.39 8.07
CA ARG A 111 -11.49 7.51 8.91
C ARG A 111 -12.72 8.23 8.36
N ASN A 112 -13.46 7.59 7.47
CA ASN A 112 -14.68 8.17 6.93
C ASN A 112 -15.90 7.79 7.76
N LEU A 113 -15.84 8.10 9.04
CA LEU A 113 -16.91 7.76 9.98
C LEU A 113 -16.62 8.52 11.27
N PRO A 114 -17.62 8.62 12.16
CA PRO A 114 -17.40 9.43 13.37
C PRO A 114 -16.26 8.87 14.24
N VAL A 115 -15.61 9.75 14.99
CA VAL A 115 -14.48 9.36 15.83
C VAL A 115 -14.82 8.23 16.80
N ALA A 116 -15.98 8.33 17.43
CA ALA A 116 -16.41 7.30 18.40
C ALA A 116 -16.59 5.93 17.74
N GLU A 117 -17.02 5.94 16.48
CA GLU A 117 -17.20 4.69 15.75
C GLU A 117 -15.88 4.08 15.34
N GLN A 118 -14.93 4.91 14.92
CA GLN A 118 -13.62 4.41 14.52
C GLN A 118 -12.91 3.84 15.74
N ALA A 119 -13.03 4.56 16.85
CA ALA A 119 -12.42 4.10 18.10
C ALA A 119 -13.06 2.79 18.56
N GLY A 120 -14.38 2.68 18.40
CA GLY A 120 -15.09 1.46 18.75
C GLY A 120 -14.59 0.27 17.94
N GLN A 121 -14.33 0.49 16.66
CA GLN A 121 -13.84 -0.59 15.82
C GLN A 121 -12.45 -1.04 16.23
N VAL A 122 -11.62 -0.10 16.69
CA VAL A 122 -10.32 -0.44 17.25
C VAL A 122 -10.51 -1.37 18.44
N GLU A 123 -11.46 -1.02 19.32
CA GLU A 123 -11.74 -1.83 20.49
C GLU A 123 -12.23 -3.23 20.11
N MET A 124 -13.03 -3.32 19.06
N MET A 124 -13.04 -3.31 19.05
CA MET A 124 -13.54 -4.61 18.58
CA MET A 124 -13.55 -4.60 18.58
C MET A 124 -12.41 -5.53 18.16
C MET A 124 -12.42 -5.53 18.13
N VAL A 125 -11.42 -4.96 17.46
CA VAL A 125 -10.27 -5.73 17.01
C VAL A 125 -9.45 -6.14 18.22
N LYS A 126 -9.31 -5.22 19.17
CA LYS A 126 -8.54 -5.47 20.38
C LYS A 126 -9.18 -6.54 21.27
N ARG A 127 -10.50 -6.64 21.23
CA ARG A 127 -11.22 -7.61 22.03
C ARG A 127 -11.13 -9.01 21.43
N SER A 128 -10.58 -9.10 20.21
CA SER A 128 -10.53 -10.35 19.48
C SER A 128 -9.18 -11.05 19.57
N GLY A 129 -8.46 -10.81 20.67
CA GLY A 129 -7.22 -11.53 20.92
C GLY A 129 -5.95 -10.68 20.91
N GLY A 130 -6.07 -9.41 21.25
CA GLY A 130 -4.90 -8.54 21.32
C GLY A 130 -4.19 -8.38 19.98
N LEU A 131 -4.94 -8.52 18.90
CA LEU A 131 -4.43 -8.39 17.55
C LEU A 131 -3.90 -6.99 17.28
N LEU A 132 -2.95 -6.87 16.35
CA LEU A 132 -2.43 -5.56 15.94
C LEU A 132 -3.47 -4.85 15.11
N VAL A 133 -3.56 -3.52 15.26
CA VAL A 133 -4.45 -2.75 14.41
C VAL A 133 -3.96 -1.32 14.23
N GLY A 134 -4.23 -0.76 13.05
CA GLY A 134 -3.88 0.62 12.76
C GLY A 134 -5.14 1.40 12.44
N ALA A 135 -5.02 2.72 12.43
CA ALA A 135 -6.16 3.58 12.12
C ALA A 135 -5.65 4.86 11.47
N ALA A 136 -6.36 5.31 10.45
CA ALA A 136 -5.97 6.53 9.74
C ALA A 136 -6.51 7.78 10.44
N VAL A 137 -5.72 8.84 10.43
CA VAL A 137 -6.19 10.17 10.85
C VAL A 137 -5.71 11.18 9.82
N GLY A 138 -6.32 12.36 9.84
CA GLY A 138 -5.93 13.43 8.94
C GLY A 138 -5.01 14.41 9.65
N VAL A 139 -5.15 15.70 9.34
CA VAL A 139 -4.36 16.72 10.01
C VAL A 139 -5.29 17.79 10.55
N GLY A 140 -4.86 18.43 11.64
CA GLY A 140 -5.66 19.48 12.26
C GLY A 140 -6.32 19.06 13.56
N GLY A 141 -7.10 19.96 14.13
CA GLY A 141 -7.70 19.77 15.45
C GLY A 141 -8.61 18.57 15.59
N ASP A 142 -9.54 18.39 14.64
CA ASP A 142 -10.43 17.22 14.69
C ASP A 142 -9.65 15.92 14.56
N ALA A 143 -8.61 15.94 13.74
CA ALA A 143 -7.76 14.78 13.53
C ALA A 143 -6.97 14.47 14.80
N TRP A 144 -6.63 15.52 15.55
CA TRP A 144 -5.93 15.34 16.81
C TRP A 144 -6.80 14.62 17.83
N VAL A 145 -8.05 15.07 17.94
CA VAL A 145 -9.00 14.46 18.87
C VAL A 145 -9.25 13.00 18.46
N ARG A 146 -9.38 12.77 17.16
CA ARG A 146 -9.54 11.43 16.63
C ARG A 146 -8.35 10.55 17.06
N ALA A 147 -7.14 11.04 16.82
CA ALA A 147 -5.94 10.31 17.21
C ALA A 147 -5.89 9.96 18.70
N MET A 148 -6.23 10.92 19.56
CA MET A 148 -6.20 10.67 21.01
C MET A 148 -7.21 9.60 21.42
N MET A 149 -8.38 9.62 20.80
CA MET A 149 -9.42 8.64 21.09
C MET A 149 -8.99 7.25 20.62
N LEU A 150 -8.31 7.20 19.48
CA LEU A 150 -7.81 5.94 18.94
C LEU A 150 -6.73 5.35 19.84
N VAL A 151 -5.82 6.20 20.33
CA VAL A 151 -4.79 5.76 21.28
C VAL A 151 -5.43 5.23 22.57
N ASP A 152 -6.43 5.93 23.08
CA ASP A 152 -7.15 5.49 24.27
C ASP A 152 -7.80 4.13 24.07
N ALA A 153 -8.21 3.86 22.83
CA ALA A 153 -8.88 2.63 22.47
C ALA A 153 -7.90 1.49 22.25
N GLY A 154 -6.61 1.80 22.18
CA GLY A 154 -5.57 0.78 22.17
C GLY A 154 -4.94 0.55 20.80
N VAL A 155 -5.11 1.49 19.88
CA VAL A 155 -4.56 1.33 18.54
C VAL A 155 -3.03 1.18 18.60
N ASP A 156 -2.47 0.38 17.72
CA ASP A 156 -1.03 0.17 17.71
C ASP A 156 -0.30 1.12 16.79
N VAL A 157 -0.98 1.52 15.71
CA VAL A 157 -0.36 2.36 14.70
C VAL A 157 -1.32 3.45 14.28
N LEU A 158 -0.85 4.69 14.32
CA LEU A 158 -1.57 5.80 13.72
C LEU A 158 -0.98 6.10 12.35
N VAL A 159 -1.84 6.20 11.35
CA VAL A 159 -1.39 6.56 10.02
C VAL A 159 -1.88 7.94 9.66
N VAL A 160 -0.96 8.90 9.62
CA VAL A 160 -1.30 10.24 9.17
C VAL A 160 -1.40 10.13 7.66
N ASP A 161 -2.62 10.19 7.15
CA ASP A 161 -2.90 9.71 5.81
C ASP A 161 -3.45 10.83 4.94
N THR A 162 -2.62 11.38 4.07
CA THR A 162 -2.98 12.56 3.30
C THR A 162 -2.60 12.40 1.84
N ALA A 163 -3.25 13.18 0.99
CA ALA A 163 -2.97 13.14 -0.45
C ALA A 163 -1.56 13.60 -0.74
N HIS A 164 -1.08 14.56 0.04
CA HIS A 164 0.22 15.16 -0.18
C HIS A 164 0.87 15.41 1.16
N ALA A 165 1.91 14.65 1.50
CA ALA A 165 2.52 14.76 2.83
C ALA A 165 3.65 15.77 2.93
N HIS A 166 4.07 16.32 1.80
CA HIS A 166 5.23 17.19 1.76
C HIS A 166 4.85 18.63 2.07
N ASN A 167 4.45 18.87 3.31
CA ASN A 167 4.03 20.19 3.74
C ASN A 167 4.06 20.25 5.25
N ARG A 168 4.12 21.46 5.79
CA ARG A 168 4.29 21.69 7.22
C ARG A 168 3.16 21.10 8.05
N LEU A 169 1.93 21.15 7.54
CA LEU A 169 0.78 20.62 8.26
C LEU A 169 0.95 19.14 8.60
N VAL A 170 1.32 18.34 7.61
CA VAL A 170 1.49 16.90 7.84
C VAL A 170 2.71 16.58 8.69
N LEU A 171 3.81 17.29 8.41
CA LEU A 171 5.05 17.07 9.16
C LEU A 171 4.86 17.45 10.62
N ASP A 172 4.15 18.54 10.87
CA ASP A 172 3.84 18.96 12.24
C ASP A 172 2.98 17.93 12.96
N MET A 173 1.99 17.38 12.25
CA MET A 173 1.11 16.36 12.82
C MET A 173 1.90 15.13 13.24
N VAL A 174 2.77 14.67 12.35
CA VAL A 174 3.60 13.50 12.64
C VAL A 174 4.50 13.78 13.83
N GLY A 175 5.16 14.93 13.80
CA GLY A 175 6.06 15.30 14.87
C GLY A 175 5.35 15.46 16.20
N LYS A 176 4.17 16.09 16.19
CA LYS A 176 3.46 16.31 17.44
C LYS A 176 2.95 14.99 18.03
N LEU A 177 2.42 14.12 17.17
CA LEU A 177 1.97 12.80 17.60
C LEU A 177 3.11 12.00 18.21
N LYS A 178 4.27 12.00 17.56
CA LYS A 178 5.43 11.30 18.12
C LYS A 178 5.84 11.84 19.48
N SER A 179 5.74 13.16 19.65
CA SER A 179 6.13 13.81 20.89
C SER A 179 5.17 13.49 22.03
N GLU A 180 3.89 13.37 21.71
CA GLU A 180 2.88 13.23 22.74
C GLU A 180 2.54 11.78 23.07
N VAL A 181 2.44 10.94 22.05
CA VAL A 181 1.99 9.56 22.25
C VAL A 181 2.94 8.55 21.63
N GLY A 182 4.10 9.03 21.22
CA GLY A 182 5.07 8.26 20.48
C GLY A 182 5.56 7.06 21.25
N ASP A 183 5.54 7.18 22.56
CA ASP A 183 5.93 6.11 23.45
C ASP A 183 5.02 4.87 23.37
N ARG A 184 3.72 5.08 23.23
CA ARG A 184 2.81 3.95 23.12
C ARG A 184 2.31 3.60 21.72
N VAL A 185 2.52 4.49 20.76
N VAL A 185 2.50 4.54 20.84
CA VAL A 185 2.02 4.25 19.42
CA VAL A 185 1.99 4.30 19.50
C VAL A 185 3.05 4.56 18.36
C VAL A 185 3.02 4.61 18.44
N GLU A 186 3.04 3.75 17.30
CA GLU A 186 3.84 3.99 16.13
C GLU A 186 3.11 4.95 15.21
N VAL A 187 3.83 5.86 14.58
CA VAL A 187 3.21 6.88 13.74
C VAL A 187 3.75 6.81 12.32
N VAL A 188 2.86 6.58 11.36
CA VAL A 188 3.22 6.46 9.96
C VAL A 188 2.78 7.73 9.26
N GLY A 189 3.55 8.16 8.27
CA GLY A 189 3.19 9.34 7.49
C GLY A 189 3.15 9.03 6.00
N GLY A 190 2.23 9.67 5.28
CA GLY A 190 2.10 9.43 3.85
C GLY A 190 1.02 10.33 3.27
N ASN A 191 0.89 10.37 1.94
CA ASN A 191 1.74 9.59 1.04
C ASN A 191 2.74 10.46 0.30
N VAL A 192 3.86 9.85 -0.09
CA VAL A 192 4.89 10.56 -0.81
C VAL A 192 5.23 9.84 -2.10
N ALA A 193 5.92 10.54 -3.00
CA ALA A 193 6.36 9.89 -4.24
C ALA A 193 7.78 10.33 -4.62
N THR A 194 8.44 11.04 -3.69
CA THR A 194 9.79 11.54 -3.96
C THR A 194 10.75 11.26 -2.81
N ARG A 195 12.04 11.32 -3.13
CA ARG A 195 13.08 11.19 -2.11
C ARG A 195 12.99 12.32 -1.09
N SER A 196 12.82 13.56 -1.54
CA SER A 196 12.85 14.68 -0.61
C SER A 196 11.66 14.68 0.37
N ALA A 197 10.49 14.23 -0.09
CA ALA A 197 9.31 14.17 0.78
C ALA A 197 9.46 13.04 1.78
N ALA A 198 10.04 11.92 1.34
CA ALA A 198 10.32 10.82 2.26
C ALA A 198 11.31 11.28 3.33
N ALA A 199 12.34 12.01 2.91
CA ALA A 199 13.33 12.52 3.85
C ALA A 199 12.72 13.48 4.88
N ALA A 200 11.78 14.32 4.44
CA ALA A 200 11.11 15.25 5.36
C ALA A 200 10.31 14.52 6.43
N LEU A 201 9.61 13.47 6.03
CA LEU A 201 8.88 12.63 6.97
C LEU A 201 9.80 11.90 7.94
N VAL A 202 10.92 11.39 7.43
CA VAL A 202 11.94 10.80 8.32
C VAL A 202 12.43 11.82 9.36
N ASP A 203 12.69 13.04 8.92
N ASP A 203 12.66 13.10 9.00
CA ASP A 203 13.17 14.08 9.82
CA ASP A 203 13.14 14.13 9.90
C ASP A 203 12.12 14.50 10.84
C ASP A 203 12.09 14.55 10.93
N ALA A 204 10.84 14.31 10.50
CA ALA A 204 9.74 14.68 11.39
C ALA A 204 9.50 13.62 12.44
N GLY A 205 10.12 12.45 12.25
CA GLY A 205 10.03 11.37 13.22
C GLY A 205 9.14 10.21 12.83
N ALA A 206 8.77 10.12 11.55
CA ALA A 206 7.93 9.02 11.08
C ALA A 206 8.53 7.65 11.38
N ASP A 207 7.69 6.72 11.82
CA ASP A 207 8.14 5.36 12.12
C ASP A 207 8.07 4.46 10.89
N ALA A 208 7.32 4.92 9.88
CA ALA A 208 7.33 4.35 8.55
C ALA A 208 6.87 5.45 7.59
N VAL A 209 7.20 5.28 6.32
CA VAL A 209 6.80 6.23 5.27
C VAL A 209 5.99 5.48 4.22
N LYS A 210 4.81 5.98 3.88
CA LYS A 210 3.96 5.28 2.94
C LYS A 210 4.09 5.96 1.58
N VAL A 211 4.32 5.16 0.54
CA VAL A 211 4.62 5.69 -0.79
C VAL A 211 3.51 5.36 -1.77
N GLY A 212 3.09 6.37 -2.51
CA GLY A 212 2.09 6.17 -3.56
C GLY A 212 1.32 7.45 -3.82
N VAL A 213 1.63 8.10 -4.95
CA VAL A 213 0.83 9.24 -5.41
C VAL A 213 0.29 8.87 -6.79
N GLY A 214 -0.98 8.50 -6.81
CA GLY A 214 -1.62 8.10 -8.07
C GLY A 214 -1.70 6.67 -8.60
N PRO A 215 -1.03 5.68 -7.98
CA PRO A 215 -1.05 4.38 -8.65
C PRO A 215 -2.33 3.56 -8.40
N GLY A 216 -3.17 4.02 -7.48
CA GLY A 216 -4.33 3.24 -7.07
C GLY A 216 -5.28 2.89 -8.19
N SER A 217 -5.91 1.74 -8.10
CA SER A 217 -6.80 1.27 -9.16
C SER A 217 -8.00 2.19 -9.35
N ILE A 218 -8.45 2.82 -8.27
CA ILE A 218 -9.63 3.67 -8.29
C ILE A 218 -9.26 5.16 -8.29
N CYS A 219 -7.98 5.44 -8.50
CA CYS A 219 -7.44 6.79 -8.32
C CYS A 219 -7.32 7.53 -9.66
N THR A 220 -7.69 8.82 -9.67
CA THR A 220 -7.58 9.63 -10.87
C THR A 220 -6.65 10.84 -10.67
N THR A 221 -5.94 10.85 -9.55
CA THR A 221 -4.99 11.94 -9.24
C THR A 221 -4.09 12.30 -10.40
N ARG A 222 -3.49 11.31 -11.01
CA ARG A 222 -2.57 11.53 -12.11
C ARG A 222 -3.24 12.14 -13.32
N VAL A 223 -4.52 11.89 -13.45
CA VAL A 223 -5.29 12.37 -14.60
C VAL A 223 -5.91 13.75 -14.35
N VAL A 224 -6.49 13.91 -13.17
CA VAL A 224 -7.17 15.14 -12.78
C VAL A 224 -6.18 16.25 -12.42
N ALA A 225 -5.09 15.88 -11.74
CA ALA A 225 -4.09 16.86 -11.38
C ALA A 225 -2.83 16.78 -12.23
N GLY A 226 -2.62 15.66 -12.91
CA GLY A 226 -1.44 15.49 -13.74
C GLY A 226 -0.19 15.17 -12.94
N VAL A 227 -0.39 14.77 -11.68
CA VAL A 227 0.71 14.66 -10.73
C VAL A 227 0.92 13.25 -10.24
N GLY A 228 2.18 12.84 -10.14
CA GLY A 228 2.51 11.55 -9.54
C GLY A 228 3.89 11.07 -9.97
N ALA A 229 4.18 9.82 -9.62
CA ALA A 229 5.38 9.15 -10.07
C ALA A 229 5.07 7.67 -10.14
N PRO A 230 5.50 7.01 -11.21
CA PRO A 230 5.31 5.56 -11.38
C PRO A 230 5.85 4.82 -10.17
N GLN A 231 5.13 3.79 -9.75
CA GLN A 231 5.29 3.31 -8.37
C GLN A 231 6.65 2.64 -8.06
N ILE A 232 7.26 1.96 -9.02
CA ILE A 232 8.57 1.38 -8.73
C ILE A 232 9.64 2.44 -8.49
N THR A 233 9.67 3.45 -9.35
CA THR A 233 10.60 4.56 -9.20
C THR A 233 10.32 5.33 -7.91
N ALA A 234 9.05 5.50 -7.57
CA ALA A 234 8.66 6.19 -6.34
C ALA A 234 9.19 5.44 -5.12
N ILE A 235 9.11 4.12 -5.16
CA ILE A 235 9.66 3.30 -4.08
C ILE A 235 11.17 3.42 -4.02
N LEU A 236 11.84 3.28 -5.16
CA LEU A 236 13.30 3.39 -5.19
C LEU A 236 13.78 4.72 -4.61
N GLU A 237 13.07 5.78 -4.96
CA GLU A 237 13.44 7.12 -4.51
C GLU A 237 13.19 7.30 -3.00
N ALA A 238 12.01 6.86 -2.53
CA ALA A 238 11.71 6.97 -1.10
C ALA A 238 12.66 6.13 -0.25
N VAL A 239 12.95 4.92 -0.73
CA VAL A 239 13.88 4.03 -0.05
C VAL A 239 15.26 4.67 0.03
N ALA A 240 15.66 5.42 -0.99
CA ALA A 240 16.98 6.06 -0.95
C ALA A 240 17.11 6.99 0.26
N ALA A 241 15.98 7.53 0.71
CA ALA A 241 15.95 8.40 1.90
C ALA A 241 15.67 7.62 3.20
N CYS A 242 14.80 6.64 3.11
CA CYS A 242 14.33 5.97 4.33
C CYS A 242 15.23 4.87 4.81
N ARG A 243 15.79 4.09 3.90
N ARG A 243 15.72 4.05 3.88
CA ARG A 243 16.60 2.95 4.27
CA ARG A 243 16.56 2.91 4.25
C ARG A 243 17.87 3.31 5.05
C ARG A 243 17.83 3.28 5.04
N PRO A 244 18.56 4.34 4.60
CA PRO A 244 19.73 4.72 5.41
C PRO A 244 19.36 5.23 6.82
N ALA A 245 18.12 5.65 7.03
CA ALA A 245 17.68 6.09 8.35
C ALA A 245 16.97 5.00 9.15
N GLY A 246 16.86 3.80 8.58
CA GLY A 246 16.24 2.68 9.27
C GLY A 246 14.73 2.78 9.36
N VAL A 247 14.13 3.51 8.42
CA VAL A 247 12.70 3.70 8.40
C VAL A 247 12.04 2.86 7.29
N PRO A 248 11.13 1.95 7.65
CA PRO A 248 10.48 1.06 6.68
C PRO A 248 9.57 1.83 5.73
N VAL A 249 9.48 1.35 4.50
CA VAL A 249 8.61 1.96 3.51
C VAL A 249 7.43 1.05 3.18
N ILE A 250 6.24 1.62 3.22
CA ILE A 250 5.02 0.89 2.86
C ILE A 250 4.67 1.24 1.41
N ALA A 251 4.66 0.25 0.52
CA ALA A 251 4.31 0.48 -0.88
C ALA A 251 2.80 0.39 -1.07
N ASP A 252 2.17 1.54 -1.29
CA ASP A 252 0.71 1.66 -1.25
C ASP A 252 0.11 1.95 -2.64
N GLY A 253 -0.61 0.97 -3.18
CA GLY A 253 -1.37 1.20 -4.40
C GLY A 253 -0.75 0.63 -5.67
N GLY A 254 -1.60 0.23 -6.61
CA GLY A 254 -1.14 -0.22 -7.91
C GLY A 254 -0.87 -1.71 -8.04
N LEU A 255 -0.96 -2.43 -6.94
CA LEU A 255 -0.64 -3.86 -6.95
C LEU A 255 -1.85 -4.68 -7.38
N GLN A 256 -1.63 -5.62 -8.30
CA GLN A 256 -2.73 -6.42 -8.85
C GLN A 256 -2.46 -7.92 -8.83
N TYR A 257 -1.19 -8.30 -8.64
CA TYR A 257 -0.84 -9.72 -8.60
C TYR A 257 0.18 -9.95 -7.51
N SER A 258 0.30 -11.20 -7.06
CA SER A 258 1.29 -11.57 -6.04
C SER A 258 2.70 -11.16 -6.46
N GLY A 259 3.01 -11.30 -7.75
CA GLY A 259 4.29 -10.88 -8.27
C GLY A 259 4.59 -9.40 -8.06
N ASP A 260 3.56 -8.56 -8.05
CA ASP A 260 3.76 -7.14 -7.85
C ASP A 260 4.25 -6.86 -6.44
N ILE A 261 3.76 -7.66 -5.50
CA ILE A 261 4.22 -7.55 -4.11
C ILE A 261 5.72 -7.86 -4.03
N ALA A 262 6.16 -8.94 -4.68
CA ALA A 262 7.58 -9.27 -4.70
C ALA A 262 8.39 -8.12 -5.32
N LYS A 263 7.88 -7.53 -6.39
CA LYS A 263 8.56 -6.39 -7.02
C LYS A 263 8.68 -5.20 -6.08
N ALA A 264 7.59 -4.87 -5.38
CA ALA A 264 7.62 -3.73 -4.48
C ALA A 264 8.65 -3.90 -3.38
N LEU A 265 8.70 -5.10 -2.81
CA LEU A 265 9.63 -5.39 -1.74
C LEU A 265 11.07 -5.38 -2.26
N ALA A 266 11.28 -5.94 -3.46
CA ALA A 266 12.61 -5.93 -4.05
C ALA A 266 13.11 -4.51 -4.35
N ALA A 267 12.18 -3.61 -4.68
CA ALA A 267 12.53 -2.21 -4.90
C ALA A 267 12.91 -1.54 -3.57
N GLY A 268 12.61 -2.20 -2.46
CA GLY A 268 13.09 -1.73 -1.18
C GLY A 268 12.02 -1.50 -0.14
N ALA A 269 10.75 -1.63 -0.52
CA ALA A 269 9.67 -1.50 0.45
C ALA A 269 9.76 -2.65 1.46
N SER A 270 9.17 -2.44 2.64
CA SER A 270 9.15 -3.46 3.67
C SER A 270 7.78 -4.12 3.77
N THR A 271 6.74 -3.40 3.36
CA THR A 271 5.38 -3.95 3.30
C THR A 271 4.65 -3.36 2.11
N ALA A 272 3.52 -3.97 1.76
CA ALA A 272 2.69 -3.50 0.68
C ALA A 272 1.27 -3.27 1.20
N MET A 273 0.64 -2.19 0.77
CA MET A 273 -0.74 -1.92 1.17
C MET A 273 -1.69 -2.18 0.00
N LEU A 274 -2.77 -2.90 0.25
CA LEU A 274 -3.65 -3.37 -0.83
C LEU A 274 -5.08 -2.89 -0.64
N GLY A 275 -5.67 -2.37 -1.71
CA GLY A 275 -7.07 -2.00 -1.72
C GLY A 275 -7.87 -2.94 -2.62
N SER A 276 -7.65 -2.79 -3.93
CA SER A 276 -8.34 -3.61 -4.92
C SER A 276 -8.30 -5.11 -4.67
N LEU A 277 -7.11 -5.63 -4.37
CA LEU A 277 -6.95 -7.07 -4.15
C LEU A 277 -7.74 -7.62 -2.97
N LEU A 278 -8.12 -6.74 -2.04
CA LEU A 278 -8.83 -7.16 -0.83
C LEU A 278 -10.30 -6.72 -0.81
N ALA A 279 -10.63 -5.72 -1.63
CA ALA A 279 -11.99 -5.19 -1.68
C ALA A 279 -13.04 -6.22 -2.09
N GLY A 280 -12.64 -7.24 -2.83
CA GLY A 280 -13.60 -8.22 -3.29
C GLY A 280 -13.81 -9.36 -2.31
N THR A 281 -13.13 -9.31 -1.17
CA THR A 281 -13.20 -10.42 -0.20
C THR A 281 -14.41 -10.30 0.72
N ALA A 282 -14.79 -11.42 1.31
CA ALA A 282 -15.96 -11.50 2.18
C ALA A 282 -15.87 -10.51 3.33
N GLU A 283 -14.67 -10.25 3.81
CA GLU A 283 -14.46 -9.44 5.00
C GLU A 283 -14.49 -7.93 4.73
N ALA A 284 -14.37 -7.55 3.46
CA ALA A 284 -14.46 -6.13 3.09
C ALA A 284 -15.90 -5.64 3.36
N PRO A 285 -16.05 -4.36 3.72
N PRO A 285 -16.06 -4.36 3.73
CA PRO A 285 -17.37 -3.78 3.94
CA PRO A 285 -17.38 -3.89 4.14
C PRO A 285 -18.17 -3.76 2.63
C PRO A 285 -18.23 -3.37 2.97
N GLY A 286 -19.49 -3.93 2.73
N GLY A 286 -17.76 -3.56 1.75
CA GLY A 286 -20.34 -3.89 1.56
CA GLY A 286 -18.51 -3.13 0.58
C GLY A 286 -21.07 -5.21 1.33
C GLY A 286 -19.79 -3.93 0.40
N GLU A 287 -22.24 -5.12 0.72
N GLU A 287 -20.79 -3.32 -0.22
CA GLU A 287 -23.01 -6.32 0.40
CA GLU A 287 -22.06 -3.99 -0.48
C GLU A 287 -22.60 -6.85 -0.96
C GLU A 287 -21.89 -5.04 -1.57
N LEU A 288 -22.88 -8.12 -1.21
N LEU A 288 -22.48 -6.21 -1.37
CA LEU A 288 -22.59 -8.71 -2.50
CA LEU A 288 -22.36 -7.33 -2.31
C LEU A 288 -23.48 -8.08 -3.57
C LEU A 288 -23.36 -7.18 -3.45
N ILE A 289 -22.86 -7.63 -4.66
N ILE A 289 -22.85 -7.22 -4.68
CA ILE A 289 -23.60 -7.04 -5.78
CA ILE A 289 -23.65 -6.90 -5.86
C ILE A 289 -23.84 -8.10 -6.85
C ILE A 289 -23.85 -8.07 -6.81
N PHE A 290 -25.09 -8.24 -7.28
CA PHE A 290 -25.44 -9.28 -8.24
C PHE A 290 -25.94 -8.69 -9.54
N VAL A 291 -25.12 -8.79 -10.59
CA VAL A 291 -25.52 -8.36 -11.92
C VAL A 291 -25.02 -9.35 -12.97
N ASN A 292 -25.83 -9.60 -13.99
CA ASN A 292 -25.50 -10.52 -15.08
C ASN A 292 -25.08 -11.90 -14.60
N GLY A 293 -25.72 -12.38 -13.54
CA GLY A 293 -25.42 -13.70 -12.99
C GLY A 293 -24.05 -13.78 -12.35
N LYS A 294 -23.42 -12.64 -12.13
CA LYS A 294 -22.09 -12.60 -11.51
C LYS A 294 -22.13 -11.88 -10.16
N GLN A 295 -21.03 -11.98 -9.41
CA GLN A 295 -20.97 -11.42 -8.07
C GLN A 295 -19.87 -10.39 -7.90
N TYR A 296 -20.23 -9.23 -7.36
CA TYR A 296 -19.27 -8.14 -7.19
C TYR A 296 -19.43 -7.50 -5.82
N LYS A 297 -18.45 -6.68 -5.45
CA LYS A 297 -18.59 -5.80 -4.30
C LYS A 297 -18.19 -4.39 -4.70
N SER A 298 -18.81 -3.40 -4.08
CA SER A 298 -18.46 -2.03 -4.38
C SER A 298 -17.05 -1.71 -3.91
N TYR A 299 -16.36 -0.87 -4.67
CA TYR A 299 -15.03 -0.43 -4.32
C TYR A 299 -14.91 0.98 -4.89
N ARG A 300 -14.52 1.93 -4.04
CA ARG A 300 -14.49 3.33 -4.47
C ARG A 300 -13.33 4.07 -3.85
N GLY A 301 -12.84 5.07 -4.56
CA GLY A 301 -11.79 5.90 -4.01
C GLY A 301 -12.31 6.72 -2.86
N MET A 302 -11.45 7.01 -1.89
CA MET A 302 -11.85 7.85 -0.77
C MET A 302 -11.91 9.32 -1.17
N GLY A 303 -11.40 9.61 -2.36
CA GLY A 303 -11.50 10.93 -2.95
C GLY A 303 -12.51 10.97 -4.10
N SER A 304 -13.36 9.95 -4.16
CA SER A 304 -14.47 9.97 -5.12
C SER A 304 -15.60 10.84 -4.58
N LEU A 305 -16.45 11.32 -5.48
CA LEU A 305 -17.57 12.17 -5.12
C LEU A 305 -18.45 11.49 -4.07
N GLY A 306 -18.69 10.20 -4.26
CA GLY A 306 -19.52 9.45 -3.33
C GLY A 306 -18.92 9.30 -1.94
N ALA A 307 -17.60 9.14 -1.86
CA ALA A 307 -16.94 9.02 -0.56
C ALA A 307 -16.85 10.36 0.15
N MET A 308 -16.54 11.42 -0.60
CA MET A 308 -16.42 12.75 -0.03
C MET A 308 -17.74 13.25 0.53
N ARG A 309 -18.85 12.87 -0.10
CA ARG A 309 -20.17 13.27 0.40
C ARG A 309 -20.58 12.41 1.58
N GLY A 310 -20.40 11.10 1.46
CA GLY A 310 -20.71 10.18 2.52
C GLY A 310 -19.64 10.17 3.60
N LYS A 332 -14.53 21.61 -1.17
CA LYS A 332 -14.22 22.45 -2.32
C LYS A 332 -13.41 21.72 -3.40
N LEU A 333 -12.66 20.70 -2.98
CA LEU A 333 -11.81 19.93 -3.89
C LEU A 333 -12.61 19.11 -4.90
N VAL A 334 -12.11 19.02 -6.13
CA VAL A 334 -12.72 18.15 -7.11
C VAL A 334 -12.27 16.71 -6.82
N PRO A 335 -13.06 15.75 -7.23
CA PRO A 335 -12.74 14.36 -6.93
C PRO A 335 -11.42 13.92 -7.53
N GLU A 336 -10.73 13.01 -6.85
CA GLU A 336 -9.54 12.38 -7.40
C GLU A 336 -9.66 10.87 -7.33
N GLY A 337 -10.91 10.40 -7.42
CA GLY A 337 -11.16 8.97 -7.48
C GLY A 337 -12.48 8.67 -8.15
N ILE A 338 -12.68 7.40 -8.49
CA ILE A 338 -13.95 6.95 -9.05
C ILE A 338 -14.62 5.92 -8.16
N GLU A 339 -15.87 5.62 -8.48
CA GLU A 339 -16.66 4.63 -7.77
C GLU A 339 -16.91 3.47 -8.71
N GLY A 340 -16.69 2.25 -8.22
CA GLY A 340 -16.93 1.10 -9.06
C GLY A 340 -17.22 -0.19 -8.33
N ARG A 341 -16.89 -1.29 -8.98
CA ARG A 341 -17.03 -2.59 -8.37
C ARG A 341 -15.94 -3.54 -8.84
N VAL A 342 -15.65 -4.54 -8.02
CA VAL A 342 -14.66 -5.54 -8.36
C VAL A 342 -15.29 -6.91 -8.15
N PRO A 343 -14.78 -7.92 -8.86
CA PRO A 343 -15.40 -9.24 -8.68
C PRO A 343 -15.21 -9.78 -7.25
N PHE A 344 -16.19 -10.56 -6.80
CA PHE A 344 -16.13 -11.18 -5.49
C PHE A 344 -15.06 -12.26 -5.48
N ARG A 345 -14.21 -12.25 -4.46
CA ARG A 345 -13.05 -13.14 -4.42
C ARG A 345 -13.04 -14.16 -3.27
N GLY A 346 -14.10 -14.20 -2.47
CA GLY A 346 -14.19 -15.19 -1.41
C GLY A 346 -13.51 -14.75 -0.12
N PRO A 347 -13.19 -15.72 0.75
CA PRO A 347 -12.62 -15.41 2.07
C PRO A 347 -11.24 -14.76 1.97
N LEU A 348 -10.96 -13.80 2.84
CA LEU A 348 -9.69 -13.11 2.83
C LEU A 348 -8.50 -14.07 2.98
N SER A 349 -8.66 -15.02 3.89
CA SER A 349 -7.59 -15.98 4.20
C SER A 349 -7.05 -16.66 2.95
N SER A 350 -7.93 -17.03 2.03
CA SER A 350 -7.52 -17.72 0.81
C SER A 350 -6.79 -16.78 -0.15
N VAL A 351 -7.23 -15.53 -0.19
CA VAL A 351 -6.54 -14.52 -0.99
C VAL A 351 -5.13 -14.31 -0.45
N ILE A 352 -5.01 -14.17 0.86
CA ILE A 352 -3.71 -13.91 1.47
C ILE A 352 -2.78 -15.11 1.25
N HIS A 353 -3.31 -16.32 1.37
CA HIS A 353 -2.53 -17.53 1.10
C HIS A 353 -1.94 -17.51 -0.33
N GLN A 354 -2.75 -17.12 -1.31
CA GLN A 354 -2.26 -17.08 -2.69
C GLN A 354 -1.21 -15.99 -2.83
N LEU A 355 -1.43 -14.86 -2.16
CA LEU A 355 -0.48 -13.76 -2.31
C LEU A 355 0.86 -14.12 -1.68
N THR A 356 0.83 -14.68 -0.48
CA THR A 356 2.06 -15.07 0.21
C THR A 356 2.76 -16.21 -0.51
N GLY A 357 1.97 -17.09 -1.13
CA GLY A 357 2.53 -18.17 -1.93
C GLY A 357 3.33 -17.66 -3.11
N GLY A 358 2.84 -16.61 -3.75
CA GLY A 358 3.54 -16.01 -4.87
C GLY A 358 4.82 -15.35 -4.39
N LEU A 359 4.73 -14.67 -3.27
CA LEU A 359 5.90 -14.05 -2.65
C LEU A 359 6.95 -15.11 -2.29
N ARG A 360 6.50 -16.23 -1.72
CA ARG A 360 7.40 -17.32 -1.38
C ARG A 360 8.12 -17.88 -2.61
N ALA A 361 7.40 -18.00 -3.72
CA ALA A 361 8.01 -18.44 -4.97
C ALA A 361 9.12 -17.48 -5.40
N ALA A 362 8.83 -16.19 -5.34
CA ALA A 362 9.81 -15.16 -5.72
C ALA A 362 11.05 -15.28 -4.83
N MET A 363 10.84 -15.51 -3.54
CA MET A 363 11.98 -15.66 -2.63
C MET A 363 12.82 -16.90 -2.98
N GLY A 364 12.16 -17.98 -3.39
CA GLY A 364 12.86 -19.16 -3.85
C GLY A 364 13.67 -18.92 -5.11
N TYR A 365 13.07 -18.22 -6.08
CA TYR A 365 13.73 -17.93 -7.35
C TYR A 365 14.93 -17.01 -7.18
N THR A 366 14.84 -16.09 -6.21
CA THR A 366 15.86 -15.06 -6.05
C THR A 366 16.87 -15.39 -4.96
N GLY A 367 16.67 -16.52 -4.28
CA GLY A 367 17.58 -16.95 -3.24
C GLY A 367 17.53 -16.03 -2.02
N SER A 368 16.32 -15.58 -1.68
CA SER A 368 16.10 -14.66 -0.58
C SER A 368 15.48 -15.37 0.62
N PRO A 369 16.28 -15.64 1.67
CA PRO A 369 15.71 -16.36 2.82
C PRO A 369 14.79 -15.47 3.67
N THR A 370 14.95 -14.16 3.54
CA THR A 370 14.20 -13.19 4.34
C THR A 370 13.78 -12.05 3.42
N ILE A 371 12.87 -11.22 3.89
CA ILE A 371 12.45 -10.04 3.12
C ILE A 371 13.64 -9.08 2.97
N GLU A 372 14.47 -9.00 4.00
CA GLU A 372 15.66 -8.13 3.95
C GLU A 372 16.62 -8.50 2.81
N VAL A 373 16.72 -9.79 2.48
CA VAL A 373 17.53 -10.22 1.36
C VAL A 373 16.80 -9.97 0.03
N LEU A 374 15.47 -10.10 0.04
CA LEU A 374 14.68 -9.84 -1.16
C LEU A 374 14.84 -8.39 -1.63
N GLN A 375 15.00 -7.51 -0.65
CA GLN A 375 15.19 -6.09 -0.91
C GLN A 375 16.50 -5.79 -1.67
N GLN A 376 17.36 -6.81 -1.78
CA GLN A 376 18.62 -6.68 -2.50
C GLN A 376 18.61 -7.31 -3.90
N ALA A 377 17.45 -7.80 -4.31
CA ALA A 377 17.32 -8.46 -5.62
C ALA A 377 17.45 -7.47 -6.77
N GLN A 378 17.76 -7.98 -7.95
CA GLN A 378 17.93 -7.13 -9.14
C GLN A 378 16.77 -7.27 -10.10
N PHE A 379 16.53 -6.19 -10.86
CA PHE A 379 15.49 -6.17 -11.88
C PHE A 379 16.09 -6.22 -13.27
N VAL A 380 15.28 -6.69 -14.21
CA VAL A 380 15.52 -6.41 -15.62
C VAL A 380 14.33 -5.57 -16.09
N ARG A 381 14.59 -4.54 -16.88
N ARG A 381 14.60 -4.53 -16.87
CA ARG A 381 13.54 -3.72 -17.44
CA ARG A 381 13.54 -3.72 -17.45
C ARG A 381 13.03 -4.35 -18.74
C ARG A 381 13.02 -4.44 -18.68
N ILE A 382 11.72 -4.33 -18.94
CA ILE A 382 11.13 -5.02 -20.08
C ILE A 382 10.39 -4.08 -21.01
N THR A 383 10.13 -4.55 -22.22
CA THR A 383 9.40 -3.79 -23.26
C THR A 383 7.95 -4.25 -23.26
N PRO A 384 7.07 -3.56 -24.03
CA PRO A 384 5.69 -4.09 -24.16
C PRO A 384 5.61 -5.54 -24.63
N ALA A 385 6.51 -5.96 -25.52
CA ALA A 385 6.57 -7.36 -25.94
C ALA A 385 6.90 -8.28 -24.77
N GLY A 386 7.82 -7.84 -23.92
CA GLY A 386 8.19 -8.60 -22.74
C GLY A 386 7.01 -8.77 -21.81
N LEU A 387 6.19 -7.73 -21.67
CA LEU A 387 5.02 -7.80 -20.80
C LEU A 387 3.99 -8.78 -21.36
N LYS A 388 3.77 -8.73 -22.67
CA LYS A 388 2.83 -9.64 -23.30
C LYS A 388 3.27 -11.07 -23.11
N GLU A 389 4.57 -11.30 -23.25
CA GLU A 389 5.15 -12.63 -23.05
C GLU A 389 5.04 -13.11 -21.60
N SER A 390 5.06 -12.18 -20.65
CA SER A 390 5.04 -12.55 -19.23
C SER A 390 3.69 -13.11 -18.82
N HIS A 391 2.61 -12.47 -19.28
CA HIS A 391 1.28 -12.99 -19.02
C HIS A 391 1.06 -14.20 -19.91
N PRO A 392 0.06 -15.04 -19.56
CA PRO A 392 -0.29 -16.06 -20.55
C PRO A 392 -0.65 -15.37 -21.85
N HIS A 393 -0.37 -16.03 -22.98
CA HIS A 393 -0.62 -15.44 -24.28
C HIS A 393 -0.96 -16.54 -25.28
N ASP A 394 -1.74 -16.20 -26.30
CA ASP A 394 -2.02 -17.15 -27.38
C ASP A 394 -2.68 -18.44 -26.90
N VAL A 395 -3.49 -18.33 -25.85
CA VAL A 395 -4.24 -19.46 -25.36
C VAL A 395 -5.58 -18.96 -24.81
N ALA A 396 -6.61 -19.76 -24.96
CA ALA A 396 -7.89 -19.44 -24.34
C ALA A 396 -7.96 -20.12 -22.99
N MET A 397 -8.06 -19.32 -21.93
CA MET A 397 -8.18 -19.88 -20.59
C MET A 397 -9.56 -20.52 -20.43
N THR A 398 -9.59 -21.75 -19.93
CA THR A 398 -10.85 -22.49 -19.83
C THR A 398 -11.25 -22.76 -18.39
N VAL A 399 -10.31 -22.59 -17.48
CA VAL A 399 -10.52 -22.87 -16.08
C VAL A 399 -9.96 -21.70 -15.28
N GLU A 400 -10.69 -21.27 -14.26
CA GLU A 400 -10.19 -20.22 -13.38
C GLU A 400 -8.99 -20.71 -12.59
N ALA A 401 -7.97 -19.87 -12.45
CA ALA A 401 -6.84 -20.17 -11.60
C ALA A 401 -7.03 -19.37 -10.32
N PRO A 402 -6.57 -19.92 -9.17
CA PRO A 402 -6.84 -19.22 -7.92
C PRO A 402 -6.01 -17.95 -7.77
N ASN A 403 -4.95 -17.80 -8.57
CA ASN A 403 -4.07 -16.65 -8.46
C ASN A 403 -3.86 -15.92 -9.78
N TYR A 404 -4.73 -16.19 -10.74
CA TYR A 404 -4.71 -15.48 -12.02
C TYR A 404 -6.08 -15.49 -12.69
N TYR A 405 -6.60 -14.31 -13.01
CA TYR A 405 -7.90 -14.20 -13.70
C TYR A 405 -7.77 -13.49 -15.03
P IMP B . -5.25 -0.17 -5.03
O1P IMP B . -6.73 -0.26 -5.29
O2P IMP B . -4.65 -1.23 -4.16
O3P IMP B . -4.52 -0.12 -6.35
O5' IMP B . -4.95 1.24 -4.38
C5' IMP B . -5.41 1.57 -3.08
C4' IMP B . -4.77 2.85 -2.60
O4' IMP B . -5.27 3.96 -3.38
C3' IMP B . -5.08 3.25 -1.17
O3' IMP B . -4.29 2.52 -0.22
C2' IMP B . -4.82 4.75 -1.17
O2' IMP B . -3.43 5.02 -1.03
C1' IMP B . -5.23 5.15 -2.60
N9 IMP B . -6.54 5.79 -2.68
C8 IMP B . -7.75 5.45 -2.13
N7 IMP B . -8.68 6.34 -2.58
C5 IMP B . -8.10 7.21 -3.41
C6 IMP B . -8.58 8.29 -4.14
O6 IMP B . -9.79 8.48 -4.28
N1 IMP B . -7.70 9.00 -4.92
C2 IMP B . -6.38 8.66 -4.95
N3 IMP B . -5.90 7.57 -4.26
C4 IMP B . -6.76 6.87 -3.50
O13 Q67 C . -7.19 15.32 -1.13
C12 Q67 C . -7.26 15.42 -2.34
C10 Q67 C . -8.27 14.58 -3.06
C11 Q67 C . -9.58 15.37 -3.21
N1 Q67 C . -8.51 13.33 -2.34
C4 Q67 C . -7.58 12.35 -2.33
C3 Q67 C . -6.44 12.42 -3.11
C2 Q67 C . -5.51 11.39 -3.06
C5 Q67 C . -7.78 11.26 -1.51
CL2 Q67 C . -9.25 11.19 -0.49
C6 Q67 C . -6.86 10.23 -1.46
CL1 Q67 C . -7.13 8.83 -0.38
C1 Q67 C . -5.70 10.30 -2.22
N2 Q67 C . -6.51 16.21 -3.12
C15 Q67 C . -5.50 17.06 -2.76
C20 Q67 C . -5.23 17.42 -1.43
C19 Q67 C . -4.18 18.30 -1.16
N3 Q67 C . -3.64 18.85 -0.05
C22 Q67 C . -2.59 19.66 -0.39
O21 Q67 C . -2.48 19.63 -1.76
C18 Q67 C . -3.42 18.82 -2.19
C17 Q67 C . -3.68 18.49 -3.51
C16 Q67 C . -4.72 17.60 -3.77
C24 Q67 C . -1.76 20.46 0.55
C29 Q67 C . -2.02 20.39 1.92
C28 Q67 C . -1.23 21.15 2.78
N4 Q67 C . -0.27 21.94 2.29
C26 Q67 C . -0.01 22.02 0.99
C25 Q67 C . -0.75 21.27 0.07
K K D . -4.58 5.42 -10.98
C1 GOL E . -2.12 -3.76 -13.14
O1 GOL E . -2.84 -2.76 -13.85
C2 GOL E . -0.72 -3.90 -13.72
O2 GOL E . -0.77 -4.71 -14.88
C3 GOL E . 0.25 -4.47 -12.70
O3 GOL E . 0.01 -5.85 -12.52
C1 PGO F . 13.77 -2.61 6.82
C2 PGO F . 13.79 -1.10 7.04
C3 PGO F . 15.01 -0.43 6.46
O1 PGO F . 12.43 -3.06 7.03
O2 PGO F . 13.72 -0.88 8.45
#